data_3T74
#
_entry.id   3T74
#
_cell.length_a   92.600
_cell.length_b   92.600
_cell.length_c   131.000
_cell.angle_alpha   90.00
_cell.angle_beta   90.00
_cell.angle_gamma   120.00
#
_symmetry.space_group_name_H-M   'P 61 2 2'
#
loop_
_entity.id
_entity.type
_entity.pdbx_description
1 polymer Thermolysin
2 non-polymer N-[(S)-({[(benzyloxy)carbonyl]amino}methyl)(hydroxy)phosphoryl]-L-leucyl-L-alanine
3 non-polymer GLYCEROL
4 non-polymer 'DIMETHYL SULFOXIDE'
5 non-polymer 'ZINC ION'
6 non-polymer 'CALCIUM ION'
7 water water
#
_entity_poly.entity_id   1
_entity_poly.type   'polypeptide(L)'
_entity_poly.pdbx_seq_one_letter_code
;ITGTSTVGVGRGVLGDQKNINTTYSTYYYLQDNTRGNGIFTYDAKYRTTLPGSLWADADNQFFASYDAPAVDAHYYAGVT
YDYYKNVHNRLSYDGNNAAIRSSVHYSQGYNNAFWNGSQMVYGDGDGQTFIPLSGGIDVVAHELTHAVTDYTAGLIYQNE
SGAINEAISDIFGTLVEFYANKNPDWEIGEDVYTPGISGDSLRSMSDPAKYGDPDHYSKRYTGTQDNGGVHINSGIINKA
AYLISQGGTHYGVSVVGIGRDKLGKIFYRALTQYLTPTSNFSQLRAAAVQSATDLYGSTSQEVASVKQAFDAVGVK
;
_entity_poly.pdbx_strand_id   A
#
loop_
_chem_comp.id
_chem_comp.type
_chem_comp.name
_chem_comp.formula
CA non-polymer 'CALCIUM ION' 'Ca 2'
DMS non-polymer 'DIMETHYL SULFOXIDE' 'C2 H6 O S'
GOL non-polymer GLYCEROL 'C3 H8 O3'
UBY peptide-like N-[(S)-({[(benzyloxy)carbonyl]amino}methyl)(hydroxy)phosphoryl]-L-leucyl-L-alanine 'C18 H28 N3 O7 P'
ZN non-polymer 'ZINC ION' 'Zn 2'
#
# COMPACT_ATOMS: atom_id res chain seq x y z
N ILE A 1 -15.10 20.28 -5.29
CA ILE A 1 -16.20 21.28 -5.33
C ILE A 1 -15.94 22.36 -4.27
N THR A 2 -16.52 23.52 -4.48
CA THR A 2 -16.43 24.61 -3.53
C THR A 2 -17.49 24.42 -2.45
N GLY A 3 -17.08 24.46 -1.20
CA GLY A 3 -18.01 24.30 -0.11
C GLY A 3 -17.31 24.49 1.21
N THR A 4 -17.97 24.09 2.29
CA THR A 4 -17.35 24.26 3.60
CA THR A 4 -17.42 24.25 3.63
C THR A 4 -17.00 22.89 4.17
N SER A 5 -15.87 22.84 4.85
CA SER A 5 -15.39 21.60 5.42
C SER A 5 -16.25 21.14 6.59
N THR A 6 -16.60 19.87 6.57
CA THR A 6 -17.50 19.28 7.54
C THR A 6 -16.94 17.93 7.99
N VAL A 7 -17.56 17.33 8.99
CA VAL A 7 -17.13 16.05 9.53
C VAL A 7 -18.33 15.13 9.60
N GLY A 8 -18.31 14.12 8.75
CA GLY A 8 -19.34 13.10 8.74
C GLY A 8 -18.92 11.90 9.57
N VAL A 9 -19.84 10.96 9.71
CA VAL A 9 -19.56 9.76 10.48
CA VAL A 9 -19.62 9.77 10.51
C VAL A 9 -20.18 8.59 9.74
N GLY A 10 -19.52 7.45 9.81
CA GLY A 10 -20.05 6.28 9.14
C GLY A 10 -19.36 5.02 9.61
N ARG A 11 -19.61 3.96 8.87
CA ARG A 11 -19.01 2.69 9.23
CA ARG A 11 -19.08 2.64 9.19
C ARG A 11 -18.32 2.08 7.99
N GLY A 12 -17.15 1.52 8.23
CA GLY A 12 -16.35 0.94 7.18
C GLY A 12 -16.76 -0.49 6.88
N VAL A 13 -16.00 -1.10 5.99
CA VAL A 13 -16.26 -2.43 5.48
C VAL A 13 -16.32 -3.49 6.59
N LEU A 14 -15.49 -3.34 7.61
CA LEU A 14 -15.44 -4.29 8.71
C LEU A 14 -16.38 -3.91 9.86
N GLY A 15 -17.23 -2.92 9.67
CA GLY A 15 -18.26 -2.60 10.66
C GLY A 15 -17.86 -1.59 11.71
N ASP A 16 -16.68 -0.99 11.56
CA ASP A 16 -16.17 -0.04 12.54
C ASP A 16 -16.58 1.39 12.23
N GLN A 17 -16.93 2.15 13.25
CA GLN A 17 -17.35 3.52 13.10
C GLN A 17 -16.14 4.44 13.03
N LYS A 18 -16.17 5.38 12.09
CA LYS A 18 -15.12 6.39 12.04
C LYS A 18 -15.69 7.71 11.52
N ASN A 19 -15.01 8.80 11.87
CA ASN A 19 -15.32 10.11 11.35
C ASN A 19 -14.58 10.31 10.04
N ILE A 20 -15.22 11.03 9.12
CA ILE A 20 -14.61 11.31 7.83
CA ILE A 20 -14.55 11.35 7.86
C ILE A 20 -14.74 12.80 7.51
N ASN A 21 -13.74 13.35 6.85
CA ASN A 21 -13.76 14.74 6.42
C ASN A 21 -14.51 14.86 5.12
N THR A 22 -15.55 15.69 5.15
CA THR A 22 -16.43 15.90 4.00
C THR A 22 -16.50 17.38 3.66
N THR A 23 -17.23 17.69 2.59
CA THR A 23 -17.45 19.07 2.15
C THR A 23 -18.92 19.25 1.89
N TYR A 24 -19.50 20.33 2.42
CA TYR A 24 -20.91 20.61 2.24
C TYR A 24 -21.14 21.72 1.23
N SER A 25 -21.94 21.36 0.22
CA SER A 25 -22.50 22.30 -0.73
C SER A 25 -23.73 21.59 -1.34
N THR A 26 -24.89 21.85 -0.74
CA THR A 26 -26.15 21.16 -1.02
C THR A 26 -26.15 19.72 -0.51
N TYR A 27 -25.22 18.93 -1.02
CA TYR A 27 -24.91 17.61 -0.51
C TYR A 27 -23.63 17.64 0.32
N TYR A 28 -23.39 16.58 1.07
CA TYR A 28 -22.12 16.31 1.70
C TYR A 28 -21.32 15.38 0.81
N TYR A 29 -20.15 15.85 0.40
CA TYR A 29 -19.29 15.12 -0.52
C TYR A 29 -18.11 14.53 0.21
N LEU A 30 -17.66 13.36 -0.27
CA LEU A 30 -16.40 12.78 0.20
C LEU A 30 -15.23 13.52 -0.42
N GLN A 31 -14.97 14.68 0.18
CA GLN A 31 -13.93 15.60 -0.20
C GLN A 31 -13.36 16.13 1.11
N ASP A 32 -12.14 15.69 1.40
CA ASP A 32 -11.41 16.07 2.60
C ASP A 32 -10.47 17.20 2.27
N ASN A 33 -10.76 18.40 2.76
CA ASN A 33 -9.97 19.59 2.45
C ASN A 33 -8.83 19.79 3.43
N THR A 34 -8.70 18.91 4.42
CA THR A 34 -7.75 19.09 5.51
C THR A 34 -6.35 18.61 5.15
N ARG A 35 -6.22 17.93 4.02
CA ARG A 35 -4.97 17.31 3.62
C ARG A 35 -4.60 17.75 2.21
N GLY A 36 -3.50 18.49 2.10
CA GLY A 36 -3.00 18.90 0.81
C GLY A 36 -4.03 19.64 -0.01
N ASN A 37 -4.12 19.29 -1.29
CA ASN A 37 -5.14 19.85 -2.17
C ASN A 37 -6.35 18.94 -2.31
N GLY A 38 -6.57 18.15 -1.27
CA GLY A 38 -7.78 17.39 -1.08
C GLY A 38 -7.63 15.90 -1.34
N ILE A 39 -8.53 15.16 -0.70
CA ILE A 39 -8.75 13.74 -0.94
C ILE A 39 -10.19 13.62 -1.37
N PHE A 40 -10.40 12.98 -2.51
CA PHE A 40 -11.69 12.92 -3.18
C PHE A 40 -12.02 11.45 -3.44
N THR A 41 -13.23 11.03 -3.06
CA THR A 41 -13.66 9.65 -3.24
C THR A 41 -14.93 9.65 -4.08
N TYR A 42 -14.93 8.74 -5.07
CA TYR A 42 -15.92 8.67 -6.14
C TYR A 42 -16.63 7.32 -6.15
N ASP A 43 -17.86 7.34 -6.67
CA ASP A 43 -18.67 6.15 -6.88
C ASP A 43 -18.58 5.74 -8.35
N ALA A 44 -18.02 4.56 -8.61
CA ALA A 44 -18.01 4.01 -9.96
C ALA A 44 -19.27 3.20 -10.31
N LYS A 45 -20.16 2.98 -9.34
CA LYS A 45 -21.53 2.49 -9.61
C LYS A 45 -21.57 1.14 -10.31
N TYR A 46 -20.60 0.29 -10.00
CA TYR A 46 -20.46 -1.06 -10.55
C TYR A 46 -20.04 -1.07 -12.01
N ARG A 47 -19.68 0.09 -12.54
CA ARG A 47 -19.21 0.18 -13.92
C ARG A 47 -17.71 0.45 -13.94
N THR A 48 -17.15 0.61 -15.14
CA THR A 48 -15.72 0.71 -15.30
C THR A 48 -15.27 2.04 -15.89
N THR A 49 -16.21 2.98 -16.02
CA THR A 49 -15.85 4.32 -16.44
CA THR A 49 -15.90 4.35 -16.41
C THR A 49 -15.36 5.07 -15.19
N LEU A 50 -14.22 5.75 -15.33
CA LEU A 50 -13.56 6.39 -14.21
C LEU A 50 -13.42 7.88 -14.44
N PRO A 51 -13.47 8.66 -13.35
CA PRO A 51 -13.58 8.21 -11.96
C PRO A 51 -14.98 7.86 -11.50
N GLY A 52 -15.99 8.22 -12.29
CA GLY A 52 -17.36 8.13 -11.82
C GLY A 52 -17.77 9.44 -11.18
N SER A 53 -18.66 9.41 -10.21
CA SER A 53 -19.25 10.62 -9.62
CA SER A 53 -19.16 10.68 -9.66
C SER A 53 -18.65 10.89 -8.25
N LEU A 54 -18.27 12.13 -7.97
CA LEU A 54 -17.81 12.47 -6.63
C LEU A 54 -18.89 12.06 -5.64
N TRP A 55 -18.51 11.36 -4.58
CA TRP A 55 -19.51 10.75 -3.71
C TRP A 55 -20.31 11.79 -2.97
N ALA A 56 -21.62 11.76 -3.16
CA ALA A 56 -22.56 12.72 -2.59
C ALA A 56 -23.51 11.99 -1.64
N ASP A 57 -23.78 12.61 -0.50
CA ASP A 57 -24.63 12.04 0.53
C ASP A 57 -25.51 13.14 1.13
N ALA A 58 -26.77 12.85 1.37
CA ALA A 58 -27.70 13.88 1.79
C ALA A 58 -27.49 14.37 3.22
N ASP A 59 -27.04 13.49 4.12
CA ASP A 59 -27.10 13.81 5.54
C ASP A 59 -25.77 13.73 6.30
N ASN A 60 -24.68 13.44 5.61
CA ASN A 60 -23.36 13.34 6.25
C ASN A 60 -23.20 12.14 7.18
N GLN A 61 -24.11 11.18 7.06
CA GLN A 61 -24.04 9.93 7.79
CA GLN A 61 -24.03 9.92 7.79
C GLN A 61 -23.84 8.81 6.77
N PHE A 62 -22.87 7.95 7.02
CA PHE A 62 -22.44 6.96 6.02
C PHE A 62 -22.46 5.56 6.60
N PHE A 63 -23.66 5.12 7.01
CA PHE A 63 -23.85 3.83 7.65
C PHE A 63 -24.51 2.78 6.77
N ALA A 64 -24.80 3.11 5.52
CA ALA A 64 -25.39 2.12 4.60
C ALA A 64 -24.33 1.15 4.14
N SER A 65 -24.71 -0.08 3.84
CA SER A 65 -23.77 -1.07 3.34
CA SER A 65 -23.74 -1.05 3.37
CA SER A 65 -23.76 -1.06 3.35
C SER A 65 -23.03 -0.53 2.13
N TYR A 66 -23.76 0.13 1.23
CA TYR A 66 -23.17 0.66 -0.01
C TYR A 66 -22.10 1.72 0.29
N ASP A 67 -22.22 2.40 1.43
CA ASP A 67 -21.29 3.47 1.80
C ASP A 67 -19.96 2.92 2.29
N ALA A 68 -19.93 1.70 2.82
CA ALA A 68 -18.77 1.24 3.57
C ALA A 68 -17.44 1.27 2.80
N PRO A 69 -17.42 0.84 1.54
CA PRO A 69 -16.14 0.89 0.83
C PRO A 69 -15.65 2.31 0.60
N ALA A 70 -16.57 3.25 0.45
CA ALA A 70 -16.22 4.63 0.25
C ALA A 70 -15.66 5.23 1.54
N VAL A 71 -16.29 4.97 2.67
CA VAL A 71 -15.80 5.41 3.96
C VAL A 71 -14.35 5.01 4.15
N ASP A 72 -14.03 3.74 3.90
CA ASP A 72 -12.67 3.25 4.15
C ASP A 72 -11.67 3.75 3.10
N ALA A 73 -12.05 3.81 1.83
CA ALA A 73 -11.12 4.35 0.84
C ALA A 73 -10.73 5.78 1.23
N HIS A 74 -11.72 6.55 1.64
CA HIS A 74 -11.53 7.95 1.97
C HIS A 74 -10.67 8.08 3.24
N TYR A 75 -11.06 7.37 4.28
CA TYR A 75 -10.38 7.46 5.57
C TYR A 75 -8.94 6.94 5.48
N TYR A 76 -8.74 5.78 4.86
CA TYR A 76 -7.41 5.20 4.79
C TYR A 76 -6.49 5.97 3.83
N ALA A 77 -7.04 6.64 2.82
CA ALA A 77 -6.21 7.55 2.03
C ALA A 77 -5.68 8.67 2.94
N GLY A 78 -6.51 9.16 3.87
CA GLY A 78 -6.09 10.16 4.84
C GLY A 78 -4.96 9.67 5.73
N VAL A 79 -5.09 8.45 6.23
CA VAL A 79 -4.03 7.89 7.07
C VAL A 79 -2.73 7.78 6.28
N THR A 80 -2.82 7.33 5.05
CA THR A 80 -1.65 7.17 4.21
C THR A 80 -0.99 8.50 3.91
N TYR A 81 -1.79 9.52 3.61
CA TYR A 81 -1.27 10.88 3.44
C TYR A 81 -0.53 11.31 4.70
N ASP A 82 -1.12 11.06 5.86
CA ASP A 82 -0.51 11.47 7.11
C ASP A 82 0.82 10.75 7.33
N TYR A 83 0.88 9.47 7.02
CA TYR A 83 2.11 8.73 7.15
C TYR A 83 3.20 9.38 6.32
N TYR A 84 2.95 9.57 5.02
CA TYR A 84 4.00 10.12 4.18
C TYR A 84 4.43 11.53 4.62
N LYS A 85 3.47 12.37 5.03
CA LYS A 85 3.80 13.72 5.44
C LYS A 85 4.56 13.71 6.77
N ASN A 86 4.03 13.00 7.76
CA ASN A 86 4.58 13.06 9.12
C ASN A 86 5.87 12.29 9.27
N VAL A 87 5.99 11.16 8.56
CA VAL A 87 7.13 10.28 8.71
C VAL A 87 8.24 10.63 7.71
N HIS A 88 7.87 10.97 6.47
CA HIS A 88 8.86 11.19 5.42
C HIS A 88 8.91 12.60 4.87
N ASN A 89 8.11 13.49 5.42
CA ASN A 89 8.04 14.88 4.94
C ASN A 89 7.72 14.93 3.46
N ARG A 90 6.83 14.04 3.01
CA ARG A 90 6.40 14.02 1.62
C ARG A 90 4.94 14.44 1.57
N LEU A 91 4.65 15.44 0.75
CA LEU A 91 3.32 16.00 0.60
C LEU A 91 2.61 15.34 -0.60
N SER A 92 1.72 14.40 -0.30
CA SER A 92 1.02 13.61 -1.27
C SER A 92 1.97 12.80 -2.17
N TYR A 93 1.43 12.15 -3.18
CA TYR A 93 2.22 11.21 -3.95
C TYR A 93 3.24 11.87 -4.83
N ASP A 94 2.99 13.11 -5.26
CA ASP A 94 3.90 13.82 -6.13
C ASP A 94 4.87 14.73 -5.37
N GLY A 95 4.72 14.82 -4.05
CA GLY A 95 5.55 15.70 -3.25
C GLY A 95 5.12 17.16 -3.28
N ASN A 96 4.03 17.46 -3.99
CA ASN A 96 3.53 18.82 -4.11
C ASN A 96 2.02 18.88 -3.86
N ASN A 97 1.55 17.98 -3.00
CA ASN A 97 0.16 17.99 -2.55
C ASN A 97 -0.85 17.77 -3.68
N ALA A 98 -0.52 16.93 -4.66
CA ALA A 98 -1.52 16.53 -5.65
C ALA A 98 -2.79 16.01 -4.96
N ALA A 99 -3.93 16.37 -5.51
CA ALA A 99 -5.21 15.81 -5.08
C ALA A 99 -5.16 14.30 -5.21
N ILE A 100 -5.69 13.62 -4.21
CA ILE A 100 -5.72 12.15 -4.18
C ILE A 100 -7.14 11.70 -4.47
N ARG A 101 -7.31 10.94 -5.54
CA ARG A 101 -8.61 10.51 -5.99
C ARG A 101 -8.72 8.99 -5.95
N SER A 102 -9.86 8.49 -5.46
CA SER A 102 -10.17 7.07 -5.42
C SER A 102 -11.57 6.82 -5.90
N SER A 103 -11.78 5.71 -6.61
CA SER A 103 -13.13 5.27 -6.95
C SER A 103 -13.38 3.90 -6.34
N VAL A 104 -14.58 3.71 -5.77
CA VAL A 104 -14.99 2.44 -5.23
C VAL A 104 -16.18 1.91 -6.00
N HIS A 105 -16.60 0.71 -5.69
CA HIS A 105 -17.62 0.00 -6.46
C HIS A 105 -17.25 -0.09 -7.93
N TYR A 106 -15.98 -0.35 -8.21
CA TYR A 106 -15.52 -0.54 -9.58
C TYR A 106 -15.91 -1.93 -10.09
N SER A 107 -16.63 -1.94 -11.21
CA SER A 107 -17.03 -3.18 -11.90
C SER A 107 -17.92 -4.04 -10.99
N GLN A 108 -18.03 -5.32 -11.32
CA GLN A 108 -18.85 -6.29 -10.57
C GLN A 108 -18.00 -7.46 -10.19
N GLY A 109 -18.06 -7.85 -8.92
CA GLY A 109 -17.32 -9.01 -8.45
C GLY A 109 -15.82 -8.88 -8.62
N TYR A 110 -15.30 -7.65 -8.52
CA TYR A 110 -13.95 -7.35 -9.00
C TYR A 110 -12.92 -7.58 -7.90
N ASN A 111 -12.13 -8.64 -8.05
CA ASN A 111 -11.21 -9.10 -7.03
C ASN A 111 -9.85 -8.42 -7.13
N ASN A 112 -9.82 -7.08 -7.15
CA ASN A 112 -8.57 -6.38 -7.22
C ASN A 112 -8.75 -4.91 -6.94
N ALA A 113 -7.62 -4.23 -6.83
CA ALA A 113 -7.51 -2.80 -6.70
C ALA A 113 -6.27 -2.38 -7.45
N PHE A 114 -6.21 -1.12 -7.90
CA PHE A 114 -5.07 -0.68 -8.69
C PHE A 114 -4.97 0.83 -8.72
N TRP A 115 -3.78 1.29 -9.13
CA TRP A 115 -3.55 2.67 -9.50
C TRP A 115 -3.54 2.73 -11.01
N ASN A 116 -4.39 3.55 -11.63
CA ASN A 116 -4.55 3.53 -13.08
C ASN A 116 -3.68 4.53 -13.83
N GLY A 117 -2.68 5.10 -13.13
CA GLY A 117 -1.85 6.16 -13.67
C GLY A 117 -2.24 7.54 -13.12
N SER A 118 -3.48 7.65 -12.61
CA SER A 118 -4.04 8.92 -12.17
C SER A 118 -4.83 8.87 -10.87
N GLN A 119 -5.27 7.68 -10.47
CA GLN A 119 -6.16 7.54 -9.32
C GLN A 119 -6.13 6.11 -8.84
N MET A 120 -6.62 5.91 -7.61
CA MET A 120 -6.83 4.59 -7.05
C MET A 120 -8.22 4.07 -7.42
N VAL A 121 -8.31 2.76 -7.58
CA VAL A 121 -9.52 2.09 -8.01
C VAL A 121 -9.70 0.82 -7.17
N TYR A 122 -10.89 0.63 -6.60
CA TYR A 122 -11.16 -0.53 -5.73
C TYR A 122 -12.38 -1.30 -6.19
N GLY A 123 -12.19 -2.59 -6.45
CA GLY A 123 -13.30 -3.49 -6.59
C GLY A 123 -14.00 -3.78 -5.27
N ASP A 124 -15.17 -4.38 -5.40
CA ASP A 124 -15.94 -4.86 -4.25
C ASP A 124 -15.60 -6.30 -3.88
N GLY A 125 -14.83 -6.98 -4.73
CA GLY A 125 -14.62 -8.40 -4.58
C GLY A 125 -15.90 -9.16 -4.91
N ASP A 126 -15.78 -10.48 -4.98
CA ASP A 126 -16.91 -11.34 -5.27
C ASP A 126 -17.51 -11.97 -4.02
N GLY A 127 -17.02 -11.55 -2.87
CA GLY A 127 -17.51 -12.07 -1.60
C GLY A 127 -16.91 -13.39 -1.18
N GLN A 128 -16.08 -13.96 -2.04
CA GLN A 128 -15.42 -15.24 -1.78
C GLN A 128 -13.93 -15.07 -1.69
N THR A 129 -13.30 -14.52 -2.73
CA THR A 129 -11.88 -14.25 -2.69
C THR A 129 -11.60 -12.94 -1.95
N PHE A 130 -12.42 -11.91 -2.18
CA PHE A 130 -12.30 -10.64 -1.48
C PHE A 130 -13.65 -10.08 -1.10
N ILE A 131 -13.66 -9.30 -0.03
CA ILE A 131 -14.71 -8.32 0.23
C ILE A 131 -14.15 -6.96 -0.24
N PRO A 132 -14.93 -5.87 -0.12
CA PRO A 132 -14.44 -4.64 -0.78
C PRO A 132 -13.06 -4.23 -0.32
N LEU A 133 -12.18 -4.02 -1.29
CA LEU A 133 -10.75 -4.08 -0.99
C LEU A 133 -10.23 -2.87 -0.24
N SER A 134 -10.96 -1.77 -0.27
CA SER A 134 -10.60 -0.60 0.51
C SER A 134 -10.73 -0.84 2.01
N GLY A 135 -11.34 -1.95 2.43
CA GLY A 135 -11.39 -2.29 3.85
C GLY A 135 -10.04 -2.63 4.45
N GLY A 136 -9.02 -2.82 3.63
CA GLY A 136 -7.67 -3.11 4.11
C GLY A 136 -6.80 -1.88 4.06
N ILE A 137 -6.34 -1.41 5.21
CA ILE A 137 -5.47 -0.25 5.23
C ILE A 137 -4.17 -0.54 4.47
N ASP A 138 -3.62 -1.75 4.61
CA ASP A 138 -2.44 -2.11 3.84
C ASP A 138 -2.70 -2.07 2.34
N VAL A 139 -3.90 -2.44 1.92
CA VAL A 139 -4.27 -2.38 0.51
C VAL A 139 -4.32 -0.92 0.01
N VAL A 140 -5.00 -0.06 0.75
CA VAL A 140 -5.09 1.34 0.35
C VAL A 140 -3.69 1.94 0.26
N ALA A 141 -2.88 1.71 1.28
CA ALA A 141 -1.54 2.27 1.27
C ALA A 141 -0.68 1.63 0.16
N HIS A 142 -0.88 0.35 -0.13
CA HIS A 142 -0.22 -0.29 -1.25
C HIS A 142 -0.52 0.46 -2.55
N GLU A 143 -1.80 0.76 -2.76
CA GLU A 143 -2.19 1.44 -3.98
C GLU A 143 -1.62 2.86 -4.07
N LEU A 144 -1.72 3.63 -2.99
CA LEU A 144 -1.20 4.99 -3.05
C LEU A 144 0.31 4.97 -3.24
N THR A 145 0.95 3.95 -2.69
CA THR A 145 2.40 3.85 -2.83
C THR A 145 2.80 3.60 -4.30
N HIS A 146 1.97 2.93 -5.09
CA HIS A 146 2.25 2.84 -6.51
C HIS A 146 2.38 4.24 -7.14
N ALA A 147 1.52 5.17 -6.74
CA ALA A 147 1.61 6.54 -7.23
C ALA A 147 2.93 7.19 -6.80
N VAL A 148 3.33 7.00 -5.54
CA VAL A 148 4.62 7.50 -5.07
C VAL A 148 5.76 6.94 -5.91
N THR A 149 5.78 5.62 -6.10
CA THR A 149 6.80 5.03 -6.94
C THR A 149 6.81 5.63 -8.34
N ASP A 150 5.64 5.77 -8.95
CA ASP A 150 5.59 6.27 -10.30
C ASP A 150 6.13 7.68 -10.43
N TYR A 151 5.97 8.50 -9.39
CA TYR A 151 6.48 9.85 -9.39
C TYR A 151 7.95 9.96 -9.00
N THR A 152 8.54 8.88 -8.48
CA THR A 152 9.90 8.92 -7.95
C THR A 152 10.76 7.96 -8.77
N ALA A 153 11.03 6.76 -8.27
CA ALA A 153 11.91 5.82 -8.98
C ALA A 153 11.38 5.48 -10.36
N GLY A 154 10.08 5.32 -10.47
CA GLY A 154 9.47 5.01 -11.77
C GLY A 154 9.68 3.59 -12.24
N LEU A 155 9.89 2.69 -11.29
CA LEU A 155 10.14 1.28 -11.57
C LEU A 155 9.15 0.71 -12.57
N ILE A 156 9.69 0.23 -13.68
CA ILE A 156 8.90 -0.35 -14.76
CA ILE A 156 8.90 -0.36 -14.76
C ILE A 156 8.19 -1.60 -14.23
N TYR A 157 6.92 -1.79 -14.59
CA TYR A 157 6.08 -2.83 -13.98
C TYR A 157 6.22 -4.19 -14.65
N GLN A 158 7.44 -4.71 -14.68
CA GLN A 158 7.68 -6.05 -15.16
C GLN A 158 9.02 -6.54 -14.64
N ASN A 159 9.15 -7.86 -14.54
CA ASN A 159 10.41 -8.49 -14.18
C ASN A 159 10.95 -7.95 -12.86
N GLU A 160 12.27 -7.82 -12.69
CA GLU A 160 12.78 -7.47 -11.38
C GLU A 160 12.38 -6.07 -10.94
N SER A 161 12.45 -5.07 -11.83
CA SER A 161 12.04 -3.73 -11.43
CA SER A 161 12.02 -3.72 -11.49
C SER A 161 10.58 -3.74 -10.99
N GLY A 162 9.74 -4.55 -11.62
CA GLY A 162 8.34 -4.62 -11.28
C GLY A 162 8.11 -5.32 -9.95
N ALA A 163 8.92 -6.34 -9.66
CA ALA A 163 8.85 -6.98 -8.35
C ALA A 163 9.32 -6.03 -7.24
N ILE A 164 10.30 -5.18 -7.53
CA ILE A 164 10.68 -4.15 -6.55
C ILE A 164 9.52 -3.16 -6.35
N ASN A 165 8.90 -2.75 -7.45
CA ASN A 165 7.74 -1.88 -7.41
C ASN A 165 6.67 -2.46 -6.47
N GLU A 166 6.33 -3.72 -6.68
CA GLU A 166 5.39 -4.43 -5.83
C GLU A 166 5.83 -4.48 -4.37
N ALA A 167 7.08 -4.86 -4.13
CA ALA A 167 7.55 -4.96 -2.75
C ALA A 167 7.51 -3.61 -2.05
N ILE A 168 7.87 -2.54 -2.74
CA ILE A 168 7.78 -1.19 -2.18
C ILE A 168 6.35 -0.90 -1.72
N SER A 169 5.37 -1.26 -2.54
CA SER A 169 3.97 -1.08 -2.16
C SER A 169 3.56 -1.96 -0.97
N ASP A 170 4.07 -3.20 -0.89
CA ASP A 170 3.79 -4.05 0.26
C ASP A 170 4.48 -3.55 1.53
N ILE A 171 5.72 -3.10 1.40
CA ILE A 171 6.50 -2.58 2.53
C ILE A 171 5.80 -1.36 3.10
N PHE A 172 5.52 -0.36 2.27
CA PHE A 172 4.86 0.84 2.80
C PHE A 172 3.41 0.60 3.19
N GLY A 173 2.74 -0.32 2.51
CA GLY A 173 1.40 -0.71 2.95
C GLY A 173 1.44 -1.19 4.37
N THR A 174 2.40 -2.06 4.66
CA THR A 174 2.59 -2.61 5.99
C THR A 174 3.04 -1.54 6.99
N LEU A 175 3.94 -0.65 6.61
CA LEU A 175 4.37 0.38 7.53
C LEU A 175 3.22 1.34 7.86
N VAL A 176 2.34 1.61 6.90
CA VAL A 176 1.16 2.42 7.19
C VAL A 176 0.21 1.67 8.12
N GLU A 177 0.06 0.36 7.90
CA GLU A 177 -0.75 -0.44 8.81
C GLU A 177 -0.20 -0.37 10.25
N PHE A 178 1.11 -0.46 10.41
CA PHE A 178 1.69 -0.30 11.75
C PHE A 178 1.50 1.13 12.27
N TYR A 179 1.61 2.13 11.41
CA TYR A 179 1.41 3.52 11.80
C TYR A 179 0.02 3.74 12.40
N ALA A 180 -1.01 3.16 11.78
CA ALA A 180 -2.37 3.29 12.28
C ALA A 180 -2.56 2.43 13.53
N ASN A 181 -1.78 1.36 13.63
CA ASN A 181 -1.69 0.52 14.84
C ASN A 181 -2.97 -0.20 15.26
N LYS A 182 -3.72 -0.66 14.27
CA LYS A 182 -4.86 -1.55 14.49
CA LYS A 182 -4.86 -1.55 14.49
C LYS A 182 -4.58 -2.92 13.86
N ASN A 183 -4.46 -3.93 14.71
CA ASN A 183 -4.12 -5.28 14.30
C ASN A 183 -2.99 -5.34 13.27
N PRO A 184 -1.85 -4.66 13.51
CA PRO A 184 -0.81 -4.66 12.48
C PRO A 184 -0.08 -5.99 12.41
N ASP A 185 0.39 -6.30 11.22
CA ASP A 185 1.10 -7.54 10.94
C ASP A 185 1.95 -7.34 9.69
N TRP A 186 2.72 -8.35 9.35
CA TRP A 186 3.53 -8.39 8.14
C TRP A 186 2.88 -9.24 7.05
N GLU A 187 1.56 -9.34 7.09
CA GLU A 187 0.77 -10.00 6.06
C GLU A 187 0.12 -8.95 5.18
N ILE A 188 -0.24 -9.32 3.95
CA ILE A 188 -0.85 -8.37 3.02
C ILE A 188 -2.29 -8.77 2.71
N GLY A 189 -3.22 -7.88 3.02
CA GLY A 189 -4.61 -8.01 2.59
C GLY A 189 -5.50 -8.87 3.46
N GLU A 190 -4.98 -9.29 4.61
CA GLU A 190 -5.70 -10.19 5.51
C GLU A 190 -7.09 -9.70 5.91
N ASP A 191 -7.31 -8.39 5.99
CA ASP A 191 -8.60 -7.89 6.46
C ASP A 191 -9.70 -8.02 5.42
N VAL A 192 -9.35 -8.19 4.15
CA VAL A 192 -10.35 -8.23 3.09
C VAL A 192 -10.29 -9.51 2.25
N TYR A 193 -9.33 -10.39 2.53
CA TYR A 193 -9.14 -11.60 1.76
C TYR A 193 -9.92 -12.77 2.38
N THR A 194 -10.59 -13.53 1.52
CA THR A 194 -11.27 -14.78 1.87
C THR A 194 -12.03 -14.71 3.19
N PRO A 195 -13.19 -14.05 3.16
CA PRO A 195 -13.93 -13.93 4.42
C PRO A 195 -14.34 -15.27 5.05
N GLY A 196 -14.41 -16.33 4.25
CA GLY A 196 -14.74 -17.64 4.78
C GLY A 196 -13.58 -18.43 5.36
N ILE A 197 -12.38 -17.88 5.31
CA ILE A 197 -11.19 -18.56 5.81
C ILE A 197 -10.44 -17.62 6.74
N SER A 198 -10.29 -18.02 8.00
CA SER A 198 -9.58 -17.21 8.98
CA SER A 198 -9.57 -17.18 8.96
C SER A 198 -8.08 -17.47 8.92
N GLY A 199 -7.29 -16.45 9.21
CA GLY A 199 -5.87 -16.63 9.43
C GLY A 199 -4.99 -16.63 8.21
N ASP A 200 -5.58 -16.40 7.04
CA ASP A 200 -4.80 -16.37 5.80
C ASP A 200 -4.66 -14.93 5.29
N SER A 201 -3.99 -14.80 4.16
CA SER A 201 -3.78 -13.49 3.56
CA SER A 201 -3.63 -13.50 3.60
C SER A 201 -3.39 -13.71 2.12
N LEU A 202 -3.32 -12.63 1.36
CA LEU A 202 -2.94 -12.73 -0.03
C LEU A 202 -1.45 -13.03 -0.20
N ARG A 203 -0.62 -12.32 0.56
CA ARG A 203 0.82 -12.56 0.63
C ARG A 203 1.25 -12.47 2.07
N SER A 204 2.43 -13.03 2.36
CA SER A 204 3.09 -12.85 3.64
C SER A 204 4.48 -12.29 3.38
N MET A 205 4.86 -11.24 4.10
CA MET A 205 6.23 -10.73 4.05
C MET A 205 7.16 -11.53 4.97
N SER A 206 6.62 -11.99 6.09
CA SER A 206 7.42 -12.72 7.06
C SER A 206 7.76 -14.13 6.58
N ASP A 207 6.87 -14.72 5.80
CA ASP A 207 7.09 -16.02 5.24
C ASP A 207 6.39 -16.13 3.89
N PRO A 208 6.99 -15.54 2.85
CA PRO A 208 6.31 -15.51 1.55
C PRO A 208 5.95 -16.91 1.05
N ALA A 209 6.73 -17.91 1.42
CA ALA A 209 6.51 -19.25 0.92
C ALA A 209 5.19 -19.86 1.42
N LYS A 210 4.62 -19.31 2.49
CA LYS A 210 3.34 -19.80 3.02
CA LYS A 210 3.34 -19.79 3.02
C LYS A 210 2.27 -19.75 1.94
N TYR A 211 2.35 -18.75 1.05
CA TYR A 211 1.36 -18.57 -0.02
C TYR A 211 1.99 -18.77 -1.39
N GLY A 212 3.09 -19.53 -1.40
CA GLY A 212 3.75 -20.00 -2.61
C GLY A 212 4.72 -19.07 -3.29
N ASP A 213 5.07 -17.98 -2.63
CA ASP A 213 5.98 -17.02 -3.22
C ASP A 213 7.42 -17.28 -2.75
N PRO A 214 8.39 -16.97 -3.62
CA PRO A 214 9.79 -17.23 -3.28
C PRO A 214 10.30 -16.35 -2.15
N ASP A 215 11.22 -16.93 -1.38
CA ASP A 215 11.87 -16.23 -0.27
C ASP A 215 13.38 -16.26 -0.42
N HIS A 216 13.82 -16.55 -1.63
CA HIS A 216 15.23 -16.63 -1.97
C HIS A 216 15.34 -16.44 -3.47
N TYR A 217 16.37 -15.71 -3.90
CA TYR A 217 16.57 -15.42 -5.31
C TYR A 217 16.69 -16.67 -6.17
N SER A 218 17.20 -17.75 -5.60
CA SER A 218 17.29 -19.03 -6.31
C SER A 218 15.94 -19.63 -6.69
N LYS A 219 14.87 -19.17 -6.06
CA LYS A 219 13.52 -19.64 -6.33
C LYS A 219 12.72 -18.63 -7.13
N ARG A 220 13.37 -17.63 -7.72
CA ARG A 220 12.64 -16.63 -8.50
C ARG A 220 11.94 -17.24 -9.70
N TYR A 221 10.79 -16.65 -10.03
CA TYR A 221 10.03 -16.99 -11.23
C TYR A 221 10.56 -16.21 -12.44
N THR A 222 10.74 -16.86 -13.57
CA THR A 222 11.23 -16.15 -14.74
C THR A 222 10.37 -16.37 -15.97
N GLY A 223 9.15 -16.84 -15.77
CA GLY A 223 8.18 -16.96 -16.84
C GLY A 223 7.51 -15.63 -17.11
N THR A 224 6.47 -15.66 -17.92
CA THR A 224 5.82 -14.43 -18.36
C THR A 224 4.52 -14.07 -17.65
N GLN A 225 3.94 -14.98 -16.86
CA GLN A 225 2.70 -14.63 -16.19
CA GLN A 225 2.72 -14.70 -16.09
C GLN A 225 2.94 -13.51 -15.19
N ASP A 226 1.88 -12.76 -14.89
CA ASP A 226 1.95 -11.71 -13.88
C ASP A 226 3.07 -10.72 -14.17
N ASN A 227 3.18 -10.30 -15.43
CA ASN A 227 4.20 -9.32 -15.83
C ASN A 227 5.61 -9.78 -15.44
N GLY A 228 5.85 -11.07 -15.60
CA GLY A 228 7.13 -11.63 -15.21
C GLY A 228 7.25 -11.83 -13.71
N GLY A 229 6.13 -12.12 -13.05
CA GLY A 229 6.11 -12.47 -11.64
C GLY A 229 6.19 -11.30 -10.67
N VAL A 230 5.63 -10.14 -11.00
CA VAL A 230 5.85 -8.98 -10.12
C VAL A 230 5.26 -9.19 -8.73
N HIS A 231 4.13 -9.91 -8.63
CA HIS A 231 3.52 -10.20 -7.32
C HIS A 231 4.05 -11.48 -6.67
N ILE A 232 4.94 -12.16 -7.37
CA ILE A 232 5.52 -13.42 -6.93
C ILE A 232 6.93 -13.15 -6.40
N ASN A 233 7.79 -12.64 -7.27
CA ASN A 233 9.15 -12.30 -6.91
C ASN A 233 9.26 -11.17 -5.90
N SER A 234 8.19 -10.42 -5.70
CA SER A 234 8.18 -9.44 -4.62
C SER A 234 8.46 -10.12 -3.28
N GLY A 235 8.18 -11.41 -3.17
CA GLY A 235 8.42 -12.12 -1.93
C GLY A 235 9.87 -12.08 -1.50
N ILE A 236 10.79 -12.08 -2.45
CA ILE A 236 12.22 -12.08 -2.16
C ILE A 236 12.61 -10.76 -1.48
N ILE A 237 12.10 -9.65 -1.99
CA ILE A 237 12.37 -8.34 -1.41
C ILE A 237 11.56 -8.11 -0.12
N ASN A 238 10.31 -8.56 -0.08
CA ASN A 238 9.51 -8.46 1.12
C ASN A 238 10.18 -9.20 2.27
N LYS A 239 10.73 -10.38 1.99
CA LYS A 239 11.43 -11.14 3.02
C LYS A 239 12.66 -10.38 3.50
N ALA A 240 13.42 -9.80 2.58
CA ALA A 240 14.59 -9.01 2.97
C ALA A 240 14.18 -7.84 3.88
N ALA A 241 13.10 -7.14 3.52
CA ALA A 241 12.63 -6.00 4.31
C ALA A 241 12.19 -6.46 5.70
N TYR A 242 11.44 -7.55 5.75
CA TYR A 242 11.02 -8.13 7.01
C TYR A 242 12.23 -8.45 7.89
N LEU A 243 13.25 -9.06 7.30
CA LEU A 243 14.45 -9.40 8.07
C LEU A 243 15.19 -8.14 8.56
N ILE A 244 15.31 -7.13 7.72
CA ILE A 244 15.95 -5.89 8.15
C ILE A 244 15.25 -5.34 9.39
N SER A 245 13.92 -5.32 9.38
CA SER A 245 13.18 -4.76 10.49
C SER A 245 13.20 -5.67 11.73
N GLN A 246 12.85 -6.93 11.54
CA GLN A 246 12.52 -7.84 12.64
C GLN A 246 13.62 -8.81 12.99
N GLY A 247 14.61 -8.97 12.11
CA GLY A 247 15.67 -9.95 12.28
C GLY A 247 15.20 -11.37 12.02
N GLY A 248 16.15 -12.28 12.09
CA GLY A 248 15.87 -13.70 11.98
C GLY A 248 17.02 -14.44 11.35
N THR A 249 16.96 -15.77 11.33
CA THR A 249 17.94 -16.57 10.63
C THR A 249 17.22 -17.31 9.51
N HIS A 250 17.67 -17.11 8.29
CA HIS A 250 16.97 -17.55 7.09
C HIS A 250 18.00 -18.23 6.20
N TYR A 251 17.74 -19.49 5.89
CA TYR A 251 18.71 -20.35 5.19
C TYR A 251 20.10 -20.24 5.84
N GLY A 252 20.11 -20.20 7.17
CA GLY A 252 21.33 -20.19 7.94
C GLY A 252 22.01 -18.85 8.11
N VAL A 253 21.47 -17.80 7.49
CA VAL A 253 22.07 -16.47 7.54
C VAL A 253 21.31 -15.63 8.57
N SER A 254 22.02 -15.17 9.59
CA SER A 254 21.38 -14.43 10.67
C SER A 254 21.40 -12.92 10.40
N VAL A 255 20.27 -12.28 10.66
CA VAL A 255 20.11 -10.84 10.45
C VAL A 255 19.71 -10.22 11.76
N VAL A 256 20.41 -9.16 12.16
CA VAL A 256 20.05 -8.41 13.34
C VAL A 256 19.01 -7.35 12.96
N GLY A 257 17.81 -7.43 13.53
CA GLY A 257 16.75 -6.49 13.22
C GLY A 257 17.05 -5.09 13.74
N ILE A 258 16.64 -4.09 12.96
CA ILE A 258 16.84 -2.68 13.33
C ILE A 258 15.54 -1.91 13.51
N GLY A 259 14.40 -2.58 13.28
CA GLY A 259 13.09 -2.01 13.53
C GLY A 259 12.47 -1.34 12.31
N ARG A 260 11.17 -1.12 12.42
CA ARG A 260 10.34 -0.66 11.31
C ARG A 260 10.68 0.77 10.86
N ASP A 261 10.92 1.65 11.81
CA ASP A 261 11.16 3.04 11.46
C ASP A 261 12.40 3.15 10.59
N LYS A 262 13.48 2.46 10.96
CA LYS A 262 14.69 2.52 10.18
C LYS A 262 14.54 1.80 8.83
N LEU A 263 13.80 0.69 8.80
CA LEU A 263 13.47 0.07 7.52
C LEU A 263 12.82 1.10 6.60
N GLY A 264 11.81 1.80 7.11
CA GLY A 264 11.11 2.78 6.31
C GLY A 264 12.00 3.91 5.83
N LYS A 265 12.88 4.39 6.70
CA LYS A 265 13.78 5.47 6.29
C LYS A 265 14.72 5.00 5.20
N ILE A 266 15.25 3.80 5.35
CA ILE A 266 16.19 3.27 4.38
C ILE A 266 15.52 3.08 3.01
N PHE A 267 14.35 2.45 3.01
CA PHE A 267 13.68 2.18 1.76
C PHE A 267 13.08 3.44 1.13
N TYR A 268 12.64 4.39 1.93
CA TYR A 268 12.12 5.64 1.38
C TYR A 268 13.25 6.38 0.68
N ARG A 269 14.42 6.43 1.32
CA ARG A 269 15.56 7.08 0.70
C ARG A 269 15.99 6.35 -0.57
N ALA A 270 16.01 5.03 -0.54
CA ALA A 270 16.38 4.26 -1.73
C ALA A 270 15.42 4.59 -2.88
N LEU A 271 14.14 4.59 -2.58
CA LEU A 271 13.10 4.82 -3.57
C LEU A 271 13.21 6.19 -4.21
N THR A 272 13.55 7.19 -3.40
CA THR A 272 13.49 8.57 -3.86
C THR A 272 14.80 9.15 -4.30
N GLN A 273 15.92 8.52 -3.94
CA GLN A 273 17.24 9.07 -4.25
CA GLN A 273 17.22 9.07 -4.32
C GLN A 273 18.11 8.15 -5.13
N TYR A 274 17.83 6.85 -5.15
CA TYR A 274 18.75 5.93 -5.82
C TYR A 274 18.15 5.01 -6.89
N LEU A 275 16.95 4.50 -6.65
CA LEU A 275 16.34 3.60 -7.63
C LEU A 275 15.94 4.33 -8.90
N THR A 276 15.95 3.60 -10.00
CA THR A 276 15.59 4.16 -11.30
C THR A 276 14.56 3.23 -11.95
N PRO A 277 14.05 3.59 -13.13
CA PRO A 277 12.98 2.77 -13.69
C PRO A 277 13.41 1.32 -13.97
N THR A 278 14.69 1.11 -14.21
CA THR A 278 15.17 -0.21 -14.60
C THR A 278 15.94 -0.94 -13.51
N SER A 279 15.92 -0.44 -12.27
CA SER A 279 16.66 -1.12 -11.22
C SER A 279 16.29 -2.58 -11.07
N ASN A 280 17.31 -3.43 -10.94
CA ASN A 280 17.11 -4.83 -10.60
C ASN A 280 17.41 -5.08 -9.13
N PHE A 281 17.29 -6.34 -8.71
CA PHE A 281 17.40 -6.64 -7.29
C PHE A 281 18.80 -6.31 -6.76
N SER A 282 19.84 -6.58 -7.54
CA SER A 282 21.21 -6.28 -7.13
CA SER A 282 21.20 -6.27 -7.09
C SER A 282 21.37 -4.77 -6.93
N GLN A 283 20.76 -4.00 -7.83
CA GLN A 283 20.82 -2.55 -7.74
C GLN A 283 20.00 -2.03 -6.56
N LEU A 284 18.92 -2.72 -6.20
CA LEU A 284 18.19 -2.36 -4.98
C LEU A 284 19.07 -2.59 -3.76
N ARG A 285 19.78 -3.71 -3.70
CA ARG A 285 20.67 -3.95 -2.57
C ARG A 285 21.64 -2.79 -2.45
N ALA A 286 22.25 -2.40 -3.57
CA ALA A 286 23.24 -1.33 -3.52
C ALA A 286 22.59 0.00 -3.06
N ALA A 287 21.40 0.28 -3.55
CA ALA A 287 20.66 1.48 -3.15
C ALA A 287 20.34 1.48 -1.67
N ALA A 288 19.93 0.34 -1.14
CA ALA A 288 19.61 0.22 0.28
C ALA A 288 20.86 0.37 1.14
N VAL A 289 21.96 -0.24 0.71
CA VAL A 289 23.22 -0.10 1.44
C VAL A 289 23.67 1.35 1.44
N GLN A 290 23.59 2.02 0.30
CA GLN A 290 24.00 3.42 0.24
C GLN A 290 23.08 4.28 1.09
N SER A 291 21.78 4.01 1.04
CA SER A 291 20.83 4.78 1.83
C SER A 291 21.10 4.64 3.32
N ALA A 292 21.33 3.41 3.77
CA ALA A 292 21.67 3.18 5.18
C ALA A 292 23.00 3.84 5.57
N THR A 293 23.94 3.85 4.64
CA THR A 293 25.22 4.51 4.87
C THR A 293 25.02 6.02 5.05
N ASP A 294 24.20 6.61 4.20
CA ASP A 294 23.89 8.04 4.29
C ASP A 294 23.28 8.37 5.65
N LEU A 295 22.35 7.54 6.07
CA LEU A 295 21.56 7.84 7.27
C LEU A 295 22.26 7.50 8.56
N TYR A 296 23.08 6.45 8.56
CA TYR A 296 23.57 5.87 9.82
C TYR A 296 25.07 5.68 9.87
N GLY A 297 25.73 5.77 8.73
CA GLY A 297 27.18 5.63 8.70
C GLY A 297 27.65 4.27 8.20
N SER A 298 28.79 4.25 7.52
CA SER A 298 29.27 3.03 6.90
C SER A 298 29.56 1.89 7.87
N THR A 299 29.94 2.23 9.10
CA THR A 299 30.26 1.21 10.10
C THR A 299 29.07 0.84 10.97
N SER A 300 27.88 1.30 10.63
CA SER A 300 26.71 1.12 11.49
C SER A 300 26.15 -0.28 11.45
N GLN A 301 25.43 -0.62 12.51
CA GLN A 301 24.64 -1.84 12.54
C GLN A 301 23.62 -1.83 11.40
N GLU A 302 23.04 -0.67 11.10
CA GLU A 302 22.00 -0.59 10.09
C GLU A 302 22.53 -1.04 8.72
N VAL A 303 23.71 -0.56 8.34
CA VAL A 303 24.31 -1.02 7.10
C VAL A 303 24.61 -2.53 7.13
N ALA A 304 25.18 -2.99 8.25
CA ALA A 304 25.50 -4.40 8.38
C ALA A 304 24.25 -5.28 8.21
N SER A 305 23.13 -4.84 8.79
CA SER A 305 21.89 -5.59 8.73
C SER A 305 21.27 -5.59 7.34
N VAL A 306 21.38 -4.49 6.61
CA VAL A 306 20.91 -4.46 5.23
C VAL A 306 21.68 -5.52 4.43
N LYS A 307 23.00 -5.56 4.58
CA LYS A 307 23.79 -6.54 3.86
C LYS A 307 23.42 -7.97 4.23
N GLN A 308 23.24 -8.22 5.52
CA GLN A 308 22.88 -9.55 6.00
C GLN A 308 21.55 -10.01 5.40
N ALA A 309 20.58 -9.09 5.34
CA ALA A 309 19.25 -9.42 4.86
C ALA A 309 19.26 -9.78 3.38
N PHE A 310 19.97 -8.98 2.57
CA PHE A 310 20.08 -9.31 1.16
C PHE A 310 20.89 -10.60 0.95
N ASP A 311 21.92 -10.82 1.78
CA ASP A 311 22.64 -12.09 1.72
C ASP A 311 21.68 -13.24 1.98
N ALA A 312 20.83 -13.08 2.99
CA ALA A 312 19.92 -14.13 3.41
C ALA A 312 18.95 -14.53 2.30
N VAL A 313 18.54 -13.57 1.47
CA VAL A 313 17.65 -13.90 0.35
C VAL A 313 18.39 -14.10 -0.97
N GLY A 314 19.70 -14.21 -0.92
CA GLY A 314 20.48 -14.58 -2.10
C GLY A 314 20.70 -13.50 -3.14
N VAL A 315 20.60 -12.23 -2.73
CA VAL A 315 20.80 -11.10 -3.61
C VAL A 315 22.11 -10.41 -3.30
N LYS A 316 23.03 -10.45 -4.26
CA LYS A 316 24.34 -9.81 -4.10
C LYS A 316 24.44 -8.53 -4.89
C3 UBY B . -3.21 -1.27 -14.11
C2 UBY B . -3.38 0.04 -14.57
C1 UBY B . -2.32 0.73 -15.17
C6 UBY B . -1.10 0.08 -15.32
C5 UBY B . -0.93 -1.24 -14.86
C4 UBY B . -1.98 -1.90 -14.25
C7 UBY B . -1.78 -3.32 -13.78
O8 UBY B . -1.37 -3.45 -12.42
O8 UBY B . -1.38 -3.17 -12.42
C9 UBY B . -2.36 -3.82 -11.47
C9 UBY B . -2.00 -4.05 -11.48
O21 UBY B . -3.55 -3.85 -11.79
O21 UBY B . -2.34 -5.13 -11.90
N10 UBY B . -1.90 -4.06 -10.27
N10 UBY B . -2.17 -3.65 -10.23
C11 UBY B . -2.77 -4.47 -9.20
P12 UBY B . -2.14 -4.00 -7.57
O22 UBY B . -2.11 -2.52 -7.49
O23 UBY B . -0.77 -4.63 -7.31
N13 UBY B . -3.23 -4.68 -6.54
C14 UBY B . -2.80 -5.46 -5.37
C15 UBY B . -2.39 -6.86 -5.71
O24 UBY B . -1.46 -7.42 -5.10
C20 UBY B . -3.99 -5.53 -4.42
C21 UBY B . -3.69 -6.23 -3.10
C22 UBY B . -2.75 -5.41 -2.22
C23 UBY B . -4.97 -6.59 -2.36
N16 UBY B . -3.11 -7.48 -6.65
C17 UBY B . -2.91 -8.88 -7.05
C18 UBY B . -2.63 -9.03 -8.52
O32 UBY B . -2.08 -10.10 -8.89
C25 UBY B . -4.18 -9.66 -6.69
O19 UBY B . -2.97 -8.12 -9.30
C1 GOL C . 16.20 8.43 -9.93
C1 GOL C . 15.89 8.23 -9.48
O1 GOL C . 14.87 8.87 -9.59
O1 GOL C . 16.00 7.95 -10.87
C2 GOL C . 17.18 8.70 -8.78
O2 GOL C . 17.31 10.12 -8.69
C3 GOL C . 18.53 8.16 -9.25
O3 GOL C . 18.95 8.72 -10.48
C1 GOL D . -22.49 -2.55 -1.35
O1 GOL D . -23.68 -2.76 -0.55
C2 GOL D . -21.16 -2.38 -0.57
O2 GOL D . -20.15 -3.03 -1.33
C3 GOL D . -21.20 -3.01 0.83
O3 GOL D . -19.93 -2.85 1.51
C1 GOL E . -8.91 -8.60 -11.92
O1 GOL E . -7.57 -8.78 -11.46
C2 GOL E . -9.83 -9.50 -11.09
O2 GOL E . -9.45 -10.88 -11.25
C3 GOL E . -11.27 -9.38 -11.53
O3 GOL E . -12.09 -10.06 -10.56
C1 GOL F . 1.04 -0.60 -12.15
O1 GOL F . 2.21 -0.22 -11.41
C2 GOL F . -0.25 -0.23 -11.45
O2 GOL F . -0.27 1.18 -11.25
C3 GOL F . -0.36 -0.89 -10.08
O3 GOL F . -1.65 -0.66 -9.49
S DMS G . -5.91 -4.88 -14.09
O DMS G . -6.81 -5.71 -15.40
C1 DMS G . -6.49 -3.21 -13.92
C2 DMS G . -6.21 -5.60 -12.48
S DMS H . -13.55 23.71 -0.39
O DMS H . -14.24 25.12 -1.20
C1 DMS H . -12.15 23.25 -1.42
C2 DMS H . -12.92 24.31 1.18
S DMS I . 19.25 -21.56 -1.52
O DMS I . 19.71 -20.93 0.09
C1 DMS I . 20.56 -22.57 -2.23
C2 DMS I . 17.82 -22.60 -1.23
S DMS J . -21.76 26.45 0.57
O DMS J . -21.28 26.18 -1.15
C1 DMS J . -22.26 24.91 1.33
C2 DMS J . -20.40 27.10 1.53
ZN ZN K . 0.63 -3.54 -6.44
CA CA L . -3.59 -6.50 10.05
CA CA M . -1.54 -6.49 6.86
CA CA N . -9.42 -14.77 5.01
CA CA O . -26.29 9.26 4.38
#